data_1HA0
#
_entry.id   1HA0
#
_cell.length_a   153.000
_cell.length_b   153.000
_cell.length_c   153.000
_cell.angle_alpha   90.00
_cell.angle_beta   90.00
_cell.angle_gamma   90.00
#
_symmetry.space_group_name_H-M   'I 21 3'
#
loop_
_entity.id
_entity.type
_entity.pdbx_description
1 polymer 'PROTEIN (HEMAGGLUTININ PRECURSOR)'
2 branched beta-D-mannopyranose-(1-4)-2-acetamido-2-deoxy-beta-D-glucopyranose-(1-4)-2-acetamido-2-deoxy-beta-D-glucopyranose
3 branched alpha-D-mannopyranose-(1-4)-2-acetamido-2-deoxy-beta-D-glucopyranose-(1-4)-2-acetamido-2-deoxy-beta-D-glucopyranose
4 non-polymer 2-acetamido-2-deoxy-beta-D-glucopyranose
5 water water
#
_entity_poly.entity_id   1
_entity_poly.type   'polypeptide(L)'
_entity_poly.pdbx_seq_one_letter_code
;STATLCLGHHAVPNGTLVKTITDDQIEVTNATELVQSSSTGKICNNPHRILDGIDCTLIDALLGDPHCDVFQNETWDLFV
ERSKAFSNCYPYDVPDYASLRSLVASSGTLEFITEGFTWTGVTQNGGSNACKRGPGSGFFSRLNWLTKSGSTYPVLNVTM
PNNDNFDKLYIWGIHHPSTNQEQTSLYVQASGRVTVSTRRSQQTIIPNIGSRPWVRGLSSRISIYWTIVKPGDVLVINSN
GNLIAPRGYFKMRTGKSSIMRSDAPIDTCISECITPNGSIPNDKPFQNVNKITYGACPKYVKQNTLKLATGMRNVPEKQT
QGLFGAIAGFIENGWEGMIDGWYGFRHQNSEGTGQAADLKSTQAAIDQINGKLNRVIEKTNEKFHQIEKEFSEVEGRIQD
LEKYVEDTKIDLWSYNAELLVALENQHTIDLTDSEMNKLFEKTRRQLRENAEEMGNGCFKIYHKCDNACIESIRNGTYDH
DVYRNEALNNRFQI
;
_entity_poly.pdbx_strand_id   A
#
# COMPACT_ATOMS: atom_id res chain seq x y z
N SER A 1 31.25 -42.64 -39.70
CA SER A 1 31.18 -43.68 -38.64
C SER A 1 30.26 -43.32 -37.49
N THR A 2 30.45 -42.11 -36.95
CA THR A 2 29.67 -41.66 -35.82
C THR A 2 28.90 -40.37 -36.10
N ALA A 3 28.46 -39.72 -35.03
CA ALA A 3 27.73 -38.46 -35.06
C ALA A 3 27.89 -37.81 -33.69
N THR A 4 27.43 -36.59 -33.55
CA THR A 4 27.54 -35.87 -32.28
C THR A 4 26.22 -35.18 -31.94
N LEU A 5 25.85 -35.22 -30.67
CA LEU A 5 24.60 -34.63 -30.23
C LEU A 5 24.79 -33.97 -28.88
N CYS A 6 24.85 -32.63 -28.88
CA CYS A 6 25.00 -31.87 -27.65
C CYS A 6 23.66 -31.42 -27.09
N LEU A 7 23.58 -31.31 -25.77
CA LEU A 7 22.37 -30.85 -25.10
C LEU A 7 22.70 -29.45 -24.61
N GLY A 8 21.76 -28.51 -24.71
CA GLY A 8 22.07 -27.16 -24.27
C GLY A 8 20.95 -26.28 -23.76
N HIS A 9 21.32 -25.07 -23.36
CA HIS A 9 20.39 -24.08 -22.85
C HIS A 9 20.76 -22.73 -23.43
N HIS A 10 19.75 -21.90 -23.71
CA HIS A 10 19.97 -20.60 -24.29
C HIS A 10 20.73 -19.63 -23.38
N ALA A 11 21.13 -18.50 -23.96
CA ALA A 11 21.82 -17.44 -23.25
C ALA A 11 21.51 -16.19 -24.05
N VAL A 12 21.54 -15.04 -23.38
CA VAL A 12 21.24 -13.78 -24.04
C VAL A 12 22.47 -12.87 -24.00
N PRO A 13 22.52 -11.86 -24.88
CA PRO A 13 23.66 -10.95 -24.87
C PRO A 13 23.68 -10.05 -23.64
N ASN A 14 22.58 -9.34 -23.41
CA ASN A 14 22.45 -8.42 -22.28
C ASN A 14 21.58 -9.07 -21.20
N GLY A 15 22.19 -9.63 -20.16
CA GLY A 15 21.44 -10.26 -19.08
C GLY A 15 21.33 -9.41 -17.80
N THR A 16 20.76 -9.96 -16.72
CA THR A 16 20.60 -9.21 -15.48
C THR A 16 21.21 -9.86 -14.25
N LEU A 17 21.56 -9.03 -13.26
CA LEU A 17 22.12 -9.52 -12.02
C LEU A 17 21.06 -9.55 -10.92
N VAL A 18 21.10 -10.60 -10.09
CA VAL A 18 20.15 -10.79 -9.01
C VAL A 18 20.86 -11.37 -7.80
N LYS A 19 20.20 -11.36 -6.65
CA LYS A 19 20.76 -11.90 -5.42
C LYS A 19 20.29 -13.32 -5.22
N THR A 20 21.06 -14.08 -4.44
CA THR A 20 20.71 -15.45 -4.12
C THR A 20 21.24 -15.73 -2.71
N ILE A 21 21.20 -17.00 -2.30
CA ILE A 21 21.67 -17.41 -0.99
C ILE A 21 23.20 -17.37 -0.83
N THR A 22 23.92 -17.42 -1.95
CA THR A 22 25.38 -17.40 -1.91
C THR A 22 26.03 -16.27 -2.72
N ASP A 23 25.37 -15.86 -3.79
CA ASP A 23 25.93 -14.81 -4.63
C ASP A 23 25.00 -13.62 -4.69
N ASP A 24 25.53 -12.44 -4.37
CA ASP A 24 24.74 -11.23 -4.39
C ASP A 24 24.48 -10.80 -5.81
N GLN A 25 25.47 -10.94 -6.67
CA GLN A 25 25.33 -10.54 -8.05
C GLN A 25 25.61 -11.72 -8.96
N ILE A 26 24.55 -12.42 -9.34
CA ILE A 26 24.64 -13.58 -10.22
C ILE A 26 23.72 -13.30 -11.42
N GLU A 27 24.26 -13.45 -12.62
CA GLU A 27 23.51 -13.17 -13.84
C GLU A 27 22.53 -14.23 -14.34
N VAL A 28 21.31 -13.79 -14.69
CA VAL A 28 20.25 -14.64 -15.20
C VAL A 28 19.82 -14.05 -16.55
N THR A 29 19.07 -14.80 -17.36
CA THR A 29 18.64 -14.28 -18.65
C THR A 29 17.47 -13.32 -18.58
N ASN A 30 16.98 -13.05 -17.36
CA ASN A 30 15.83 -12.16 -17.19
C ASN A 30 15.43 -12.03 -15.73
N ALA A 31 14.71 -10.96 -15.43
CA ALA A 31 14.26 -10.66 -14.06
C ALA A 31 13.15 -9.61 -14.07
N THR A 32 12.23 -9.72 -13.13
CA THR A 32 11.13 -8.77 -13.01
C THR A 32 11.33 -8.03 -11.72
N GLU A 33 11.10 -6.72 -11.74
CA GLU A 33 11.26 -5.91 -10.55
C GLU A 33 10.13 -6.23 -9.56
N LEU A 34 10.42 -6.13 -8.27
CA LEU A 34 9.41 -6.41 -7.26
C LEU A 34 9.04 -5.20 -6.41
N VAL A 35 9.87 -4.16 -6.47
CA VAL A 35 9.65 -2.94 -5.70
C VAL A 35 9.23 -1.76 -6.57
N GLN A 36 8.02 -1.28 -6.35
CA GLN A 36 7.49 -0.12 -7.07
C GLN A 36 8.20 1.07 -6.46
N SER A 37 9.01 1.78 -7.25
CA SER A 37 9.76 2.90 -6.75
C SER A 37 9.28 4.27 -7.23
N SER A 38 8.29 4.30 -8.11
CA SER A 38 7.82 5.57 -8.62
C SER A 38 6.31 5.76 -8.62
N SER A 39 5.88 7.01 -8.40
CA SER A 39 4.47 7.36 -8.40
C SER A 39 4.22 8.36 -9.54
N THR A 40 2.98 8.44 -9.99
CA THR A 40 2.62 9.34 -11.08
C THR A 40 2.56 10.81 -10.62
N GLY A 41 2.31 11.02 -9.33
CA GLY A 41 2.23 12.37 -8.80
C GLY A 41 0.81 12.87 -8.70
N LYS A 42 -0.14 12.08 -9.18
CA LYS A 42 -1.54 12.45 -9.14
C LYS A 42 -2.37 11.34 -8.51
N ILE A 43 -3.36 11.74 -7.71
CA ILE A 43 -4.26 10.84 -7.00
C ILE A 43 -5.50 10.58 -7.83
N CYS A 44 -5.66 9.34 -8.27
CA CYS A 44 -6.78 8.94 -9.09
C CYS A 44 -8.11 8.90 -8.35
N ASN A 45 -9.09 9.66 -8.82
CA ASN A 45 -10.40 9.71 -8.19
C ASN A 45 -11.27 8.48 -8.49
N ASN A 46 -10.63 7.36 -8.76
CA ASN A 46 -11.30 6.10 -9.07
C ASN A 46 -10.32 4.99 -8.72
N PRO A 47 -10.78 3.93 -8.01
CA PRO A 47 -12.13 3.67 -7.52
C PRO A 47 -12.49 4.15 -6.11
N HIS A 48 -11.65 4.95 -5.48
CA HIS A 48 -11.95 5.43 -4.13
C HIS A 48 -12.46 6.86 -4.21
N ARG A 49 -13.48 7.19 -3.41
CA ARG A 49 -14.04 8.53 -3.39
C ARG A 49 -13.07 9.46 -2.70
N ILE A 50 -12.41 10.28 -3.50
CA ILE A 50 -11.44 11.22 -2.99
C ILE A 50 -12.09 12.57 -2.71
N LEU A 51 -12.18 12.96 -1.44
CA LEU A 51 -12.75 14.25 -1.08
C LEU A 51 -11.59 15.19 -0.75
N ASP A 52 -11.27 16.05 -1.69
CA ASP A 52 -10.19 17.01 -1.53
C ASP A 52 -10.62 18.08 -0.56
N GLY A 53 -9.86 18.27 0.51
CA GLY A 53 -10.19 19.25 1.52
C GLY A 53 -9.89 20.67 1.10
N ILE A 54 -8.91 20.82 0.21
CA ILE A 54 -8.52 22.11 -0.29
C ILE A 54 -8.05 22.99 0.85
N ASP A 55 -8.83 24.02 1.17
CA ASP A 55 -8.47 24.95 2.23
C ASP A 55 -9.01 24.52 3.58
N CYS A 56 -9.60 23.33 3.63
CA CYS A 56 -10.17 22.81 4.87
C CYS A 56 -9.52 21.56 5.40
N THR A 57 -9.58 21.42 6.71
CA THR A 57 -9.09 20.23 7.41
C THR A 57 -10.39 19.48 7.67
N LEU A 58 -10.31 18.27 8.21
CA LEU A 58 -11.54 17.54 8.48
C LEU A 58 -12.31 18.20 9.61
N ILE A 59 -11.58 18.56 10.66
CA ILE A 59 -12.16 19.20 11.83
C ILE A 59 -12.91 20.49 11.51
N ASP A 60 -12.35 21.32 10.63
CA ASP A 60 -13.02 22.58 10.26
C ASP A 60 -14.27 22.30 9.45
N ALA A 61 -14.22 21.25 8.63
CA ALA A 61 -15.35 20.85 7.81
C ALA A 61 -16.42 20.29 8.73
N LEU A 62 -15.98 19.64 9.80
CA LEU A 62 -16.86 19.05 10.80
C LEU A 62 -17.60 20.17 11.54
N LEU A 63 -16.82 20.95 12.27
CA LEU A 63 -17.30 22.07 13.08
C LEU A 63 -18.17 23.05 12.32
N GLY A 64 -17.84 23.30 11.06
CA GLY A 64 -18.63 24.22 10.27
C GLY A 64 -17.97 25.58 10.04
N ASP A 65 -16.66 25.60 9.93
CA ASP A 65 -15.95 26.85 9.67
C ASP A 65 -16.61 27.39 8.39
N PRO A 66 -16.95 28.68 8.36
CA PRO A 66 -17.58 29.34 7.22
C PRO A 66 -16.99 29.02 5.85
N HIS A 67 -15.67 28.88 5.74
CA HIS A 67 -15.11 28.57 4.43
C HIS A 67 -15.13 27.08 4.12
N CYS A 68 -15.72 26.29 5.00
CA CYS A 68 -15.79 24.84 4.84
C CYS A 68 -17.17 24.23 4.67
N ASP A 69 -18.24 25.00 4.92
CA ASP A 69 -19.59 24.46 4.81
C ASP A 69 -19.99 23.91 3.45
N VAL A 70 -19.06 23.96 2.51
CA VAL A 70 -19.29 23.39 1.19
C VAL A 70 -19.17 21.86 1.36
N PHE A 71 -18.60 21.44 2.49
CA PHE A 71 -18.42 20.03 2.78
C PHE A 71 -19.55 19.49 3.65
N GLN A 72 -20.55 20.33 3.90
CA GLN A 72 -21.67 19.90 4.72
C GLN A 72 -22.26 18.60 4.17
N ASN A 73 -22.44 17.64 5.06
CA ASN A 73 -22.99 16.34 4.72
C ASN A 73 -22.18 15.55 3.72
N GLU A 74 -20.89 15.87 3.64
CA GLU A 74 -20.00 15.16 2.73
C GLU A 74 -19.68 13.75 3.19
N THR A 75 -19.32 12.93 2.23
CA THR A 75 -18.95 11.55 2.47
C THR A 75 -17.65 11.38 1.72
N TRP A 76 -16.91 10.33 2.03
CA TRP A 76 -15.65 10.11 1.36
C TRP A 76 -15.07 8.76 1.64
N ASP A 77 -14.13 8.34 0.83
CA ASP A 77 -13.44 7.09 1.05
C ASP A 77 -12.10 7.53 1.63
N LEU A 78 -11.62 8.65 1.12
CA LEU A 78 -10.36 9.21 1.57
C LEU A 78 -10.45 10.72 1.52
N PHE A 79 -10.32 11.37 2.67
CA PHE A 79 -10.35 12.82 2.72
C PHE A 79 -8.88 13.20 2.59
N VAL A 80 -8.57 14.10 1.66
CA VAL A 80 -7.18 14.54 1.45
C VAL A 80 -7.00 15.96 2.00
N GLU A 81 -6.30 16.09 3.13
CA GLU A 81 -6.04 17.38 3.74
C GLU A 81 -4.85 18.09 3.09
N ARG A 82 -5.09 19.27 2.54
CA ARG A 82 -4.04 20.04 1.87
C ARG A 82 -3.18 20.79 2.86
N SER A 83 -1.91 20.98 2.54
CA SER A 83 -1.02 21.67 3.46
C SER A 83 -1.34 23.15 3.56
N LYS A 84 -1.96 23.69 2.52
CA LYS A 84 -2.33 25.10 2.46
C LYS A 84 -3.57 25.41 3.30
N ALA A 85 -4.29 24.37 3.69
CA ALA A 85 -5.50 24.51 4.48
C ALA A 85 -5.30 25.51 5.61
N PHE A 86 -6.36 26.21 5.96
CA PHE A 86 -6.32 27.18 7.03
C PHE A 86 -7.67 27.23 7.69
N SER A 87 -7.72 27.83 8.87
CA SER A 87 -8.97 27.97 9.58
C SER A 87 -9.27 29.47 9.62
N ASN A 88 -10.51 29.84 9.33
CA ASN A 88 -10.92 31.23 9.39
C ASN A 88 -12.25 31.24 10.10
N CYS A 89 -12.19 31.21 11.43
CA CYS A 89 -13.38 31.20 12.27
C CYS A 89 -12.89 31.36 13.70
N TYR A 90 -13.77 31.15 14.68
CA TYR A 90 -13.39 31.31 16.07
C TYR A 90 -12.18 30.48 16.45
N PRO A 91 -11.12 31.13 16.98
CA PRO A 91 -9.90 30.44 17.39
C PRO A 91 -10.23 29.43 18.49
N TYR A 92 -10.11 28.15 18.18
CA TYR A 92 -10.44 27.08 19.10
C TYR A 92 -9.30 26.09 19.20
N ASP A 93 -9.50 25.05 20.01
CA ASP A 93 -8.51 23.99 20.17
C ASP A 93 -9.27 22.72 20.45
N VAL A 94 -8.77 21.59 19.95
CA VAL A 94 -9.44 20.32 20.15
C VAL A 94 -8.54 19.40 20.93
N PRO A 95 -8.79 19.28 22.24
CA PRO A 95 -7.95 18.38 23.04
C PRO A 95 -8.10 17.01 22.41
N ASP A 96 -7.00 16.34 22.13
CA ASP A 96 -7.05 15.03 21.50
C ASP A 96 -7.63 15.17 20.09
N TYR A 97 -7.18 16.23 19.41
CA TYR A 97 -7.57 16.55 18.05
C TYR A 97 -7.44 15.31 17.19
N ALA A 98 -6.24 14.73 17.21
CA ALA A 98 -5.93 13.54 16.44
C ALA A 98 -6.99 12.48 16.52
N SER A 99 -7.46 12.18 17.73
CA SER A 99 -8.49 11.16 17.89
C SER A 99 -9.79 11.57 17.21
N LEU A 100 -10.21 12.81 17.40
CA LEU A 100 -11.44 13.27 16.77
C LEU A 100 -11.25 13.17 15.26
N ARG A 101 -10.12 13.68 14.78
CA ARG A 101 -9.80 13.65 13.37
C ARG A 101 -9.79 12.21 12.83
N SER A 102 -9.38 11.28 13.68
CA SER A 102 -9.29 9.90 13.30
C SER A 102 -10.66 9.23 13.25
N LEU A 103 -11.44 9.41 14.31
CA LEU A 103 -12.76 8.80 14.40
C LEU A 103 -13.77 9.32 13.39
N VAL A 104 -13.64 10.58 12.97
CA VAL A 104 -14.56 11.15 11.98
C VAL A 104 -14.12 10.62 10.61
N ALA A 105 -12.82 10.66 10.38
CA ALA A 105 -12.22 10.20 9.15
C ALA A 105 -12.68 8.78 8.83
N SER A 106 -12.65 7.91 9.83
CA SER A 106 -13.06 6.51 9.65
C SER A 106 -14.56 6.35 9.48
N SER A 107 -15.31 7.27 10.04
CA SER A 107 -16.77 7.24 9.92
C SER A 107 -17.02 7.46 8.43
N GLY A 108 -16.21 8.33 7.85
CA GLY A 108 -16.31 8.64 6.43
C GLY A 108 -17.48 9.52 6.08
N THR A 109 -18.05 10.20 7.06
CA THR A 109 -19.20 11.03 6.78
C THR A 109 -19.40 12.17 7.77
N LEU A 110 -19.89 13.28 7.26
CA LEU A 110 -20.19 14.45 8.07
C LEU A 110 -21.70 14.69 7.97
N GLU A 111 -22.45 13.60 7.77
CA GLU A 111 -23.90 13.65 7.68
C GLU A 111 -24.46 14.16 8.99
N PHE A 112 -24.76 15.45 9.02
CA PHE A 112 -25.29 16.11 10.20
C PHE A 112 -26.79 16.16 10.23
N ILE A 113 -27.34 15.82 11.38
CA ILE A 113 -28.77 15.80 11.57
C ILE A 113 -29.10 16.73 12.73
N THR A 114 -29.67 17.89 12.39
CA THR A 114 -30.06 18.89 13.37
C THR A 114 -31.15 18.28 14.27
N GLU A 115 -31.02 18.46 15.58
CA GLU A 115 -31.99 17.86 16.47
C GLU A 115 -33.03 18.72 17.14
N GLY A 116 -32.77 20.01 17.25
CA GLY A 116 -33.76 20.85 17.88
C GLY A 116 -33.67 20.88 19.39
N PHE A 117 -32.63 21.54 19.88
CA PHE A 117 -32.45 21.67 21.30
C PHE A 117 -33.17 22.96 21.67
N THR A 118 -33.94 22.90 22.74
CA THR A 118 -34.65 24.07 23.22
C THR A 118 -33.80 24.66 24.33
N TRP A 119 -33.25 25.83 24.09
CA TRP A 119 -32.41 26.45 25.08
C TRP A 119 -33.20 27.60 25.70
N THR A 120 -33.86 27.35 26.82
CA THR A 120 -34.67 28.36 27.48
C THR A 120 -33.87 29.18 28.49
N GLY A 121 -33.92 30.49 28.32
CA GLY A 121 -33.21 31.35 29.24
C GLY A 121 -31.95 31.94 28.66
N VAL A 122 -31.76 31.80 27.35
CA VAL A 122 -30.56 32.35 26.72
C VAL A 122 -30.75 32.78 25.27
N THR A 123 -31.27 31.86 24.45
CA THR A 123 -31.53 32.12 23.04
C THR A 123 -30.25 32.27 22.19
N GLN A 124 -30.08 31.24 21.40
CA GLN A 124 -28.99 30.98 20.48
C GLN A 124 -28.52 31.97 19.40
N ASN A 125 -27.56 31.47 18.63
CA ASN A 125 -26.94 32.12 17.48
C ASN A 125 -25.85 33.18 17.66
N GLY A 126 -24.96 32.96 18.63
CA GLY A 126 -23.87 33.90 18.82
C GLY A 126 -22.98 33.96 17.60
N GLY A 127 -22.30 35.08 17.39
CA GLY A 127 -21.43 35.22 16.23
C GLY A 127 -20.27 36.15 16.48
N SER A 128 -19.16 35.92 15.76
CA SER A 128 -17.95 36.72 15.89
C SER A 128 -17.43 37.15 14.55
N ASN A 129 -16.67 38.23 14.56
CA ASN A 129 -16.10 38.76 13.35
C ASN A 129 -14.94 37.90 12.91
N ALA A 130 -14.40 37.10 13.83
CA ALA A 130 -13.30 36.21 13.50
C ALA A 130 -13.85 35.11 12.61
N CYS A 131 -15.15 34.84 12.76
CA CYS A 131 -15.82 33.83 11.97
C CYS A 131 -16.82 34.56 11.09
N LYS A 132 -16.33 35.49 10.29
CA LYS A 132 -17.17 36.26 9.40
C LYS A 132 -17.81 35.38 8.34
N ARG A 133 -19.10 35.15 8.48
CA ARG A 133 -19.83 34.35 7.52
C ARG A 133 -20.68 35.32 6.70
N GLY A 134 -20.29 35.51 5.44
CA GLY A 134 -21.01 36.42 4.58
C GLY A 134 -20.63 37.88 4.82
N PRO A 135 -21.63 38.74 5.11
CA PRO A 135 -21.44 40.18 5.36
C PRO A 135 -20.92 40.50 6.77
N GLY A 136 -21.52 39.87 7.77
CA GLY A 136 -21.10 40.12 9.14
C GLY A 136 -20.72 38.88 9.90
N SER A 137 -20.44 39.06 11.18
CA SER A 137 -20.06 37.98 12.08
C SER A 137 -20.87 36.70 11.94
N GLY A 138 -20.22 35.57 12.23
CA GLY A 138 -20.87 34.27 12.15
C GLY A 138 -20.24 33.33 13.15
N PHE A 139 -20.39 32.03 12.95
CA PHE A 139 -19.82 31.06 13.89
C PHE A 139 -19.87 29.69 13.22
N PHE A 140 -19.26 28.70 13.86
CA PHE A 140 -19.24 27.34 13.33
C PHE A 140 -20.67 26.91 13.05
N SER A 141 -20.97 26.60 11.79
CA SER A 141 -22.32 26.21 11.39
C SER A 141 -22.92 25.06 12.20
N ARG A 142 -22.08 24.23 12.82
CA ARG A 142 -22.57 23.10 13.59
C ARG A 142 -22.61 23.28 15.09
N LEU A 143 -22.04 24.39 15.57
CA LEU A 143 -22.02 24.70 16.99
C LEU A 143 -22.96 25.86 17.24
N ASN A 144 -23.56 25.89 18.41
CA ASN A 144 -24.50 26.93 18.79
C ASN A 144 -24.00 27.71 19.97
N TRP A 145 -23.67 28.97 19.73
CA TRP A 145 -23.17 29.85 20.77
C TRP A 145 -24.31 30.44 21.62
N LEU A 146 -24.27 30.16 22.92
CA LEU A 146 -25.28 30.64 23.86
C LEU A 146 -24.68 31.61 24.87
N THR A 147 -25.20 32.83 24.88
CA THR A 147 -24.73 33.86 25.81
C THR A 147 -25.78 34.11 26.90
N LYS A 148 -26.11 35.37 27.17
CA LYS A 148 -27.08 35.68 28.22
C LYS A 148 -28.27 36.43 27.64
N SER A 149 -29.45 36.12 28.14
CA SER A 149 -30.65 36.81 27.69
C SER A 149 -31.10 37.69 28.85
N GLY A 150 -31.53 38.91 28.52
CA GLY A 150 -31.97 39.84 29.54
C GLY A 150 -30.80 40.21 30.44
N SER A 151 -30.60 39.41 31.49
CA SER A 151 -29.53 39.64 32.43
C SER A 151 -29.28 38.42 33.31
N THR A 152 -29.50 37.24 32.76
CA THR A 152 -29.28 36.00 33.49
C THR A 152 -28.96 34.82 32.59
N TYR A 153 -28.44 33.77 33.20
CA TYR A 153 -28.09 32.54 32.49
C TYR A 153 -28.55 31.36 33.34
N PRO A 154 -29.81 30.92 33.14
CA PRO A 154 -30.40 29.78 33.87
C PRO A 154 -29.60 28.51 33.68
N VAL A 155 -29.50 27.69 34.73
CA VAL A 155 -28.76 26.46 34.61
C VAL A 155 -29.40 25.60 33.53
N LEU A 156 -28.73 25.54 32.38
CA LEU A 156 -29.21 24.76 31.25
C LEU A 156 -29.15 23.28 31.62
N ASN A 157 -30.25 22.58 31.43
CA ASN A 157 -30.33 21.13 31.73
C ASN A 157 -31.32 20.54 30.74
N VAL A 158 -30.78 20.07 29.61
CA VAL A 158 -31.55 19.46 28.54
C VAL A 158 -31.03 18.07 28.30
N THR A 159 -31.83 17.24 27.65
CA THR A 159 -31.45 15.88 27.33
C THR A 159 -31.90 15.59 25.91
N MET A 160 -31.29 14.59 25.31
CA MET A 160 -31.62 14.22 23.95
C MET A 160 -31.42 12.72 23.92
N PRO A 161 -32.52 11.96 23.78
CA PRO A 161 -32.56 10.50 23.74
C PRO A 161 -32.18 9.89 22.40
N ASN A 162 -31.31 8.89 22.42
CA ASN A 162 -30.94 8.24 21.17
C ASN A 162 -31.88 7.07 20.95
N ASN A 163 -33.00 7.36 20.31
CA ASN A 163 -34.01 6.35 20.02
C ASN A 163 -33.67 5.72 18.68
N ASP A 164 -32.64 6.27 18.03
CA ASP A 164 -32.21 5.76 16.75
C ASP A 164 -31.36 4.51 16.91
N ASN A 165 -31.31 3.72 15.85
CA ASN A 165 -30.55 2.49 15.87
C ASN A 165 -29.12 2.69 15.38
N PHE A 166 -28.49 3.79 15.79
CA PHE A 166 -27.12 4.06 15.38
C PHE A 166 -26.44 4.98 16.38
N ASP A 167 -25.12 5.07 16.30
CA ASP A 167 -24.33 5.92 17.19
C ASP A 167 -24.46 7.36 16.73
N LYS A 168 -24.60 8.29 17.66
CA LYS A 168 -24.69 9.70 17.30
C LYS A 168 -23.43 10.35 17.84
N LEU A 169 -22.73 11.11 17.02
CA LEU A 169 -21.52 11.76 17.49
C LEU A 169 -21.83 13.23 17.71
N TYR A 170 -21.92 13.63 18.97
CA TYR A 170 -22.17 15.02 19.31
C TYR A 170 -20.87 15.77 19.52
N ILE A 171 -20.70 16.86 18.78
CA ILE A 171 -19.53 17.71 18.87
C ILE A 171 -20.03 18.99 19.59
N TRP A 172 -19.43 19.31 20.72
CA TRP A 172 -19.83 20.48 21.51
C TRP A 172 -18.58 21.22 21.98
N GLY A 173 -18.75 22.21 22.85
CA GLY A 173 -17.58 22.93 23.30
C GLY A 173 -17.81 23.83 24.50
N ILE A 174 -16.76 24.54 24.86
CA ILE A 174 -16.79 25.45 25.99
C ILE A 174 -15.97 26.69 25.63
N HIS A 175 -16.41 27.85 26.10
CA HIS A 175 -15.74 29.10 25.81
C HIS A 175 -14.77 29.49 26.92
N HIS A 176 -13.57 29.93 26.53
CA HIS A 176 -12.55 30.36 27.49
C HIS A 176 -12.38 31.86 27.37
N PRO A 177 -13.02 32.62 28.28
CA PRO A 177 -12.92 34.08 28.24
C PRO A 177 -11.50 34.58 28.42
N SER A 178 -11.26 35.77 27.87
CA SER A 178 -9.97 36.44 27.94
C SER A 178 -9.83 37.17 29.28
N THR A 179 -10.96 37.60 29.83
CA THR A 179 -10.99 38.33 31.09
C THR A 179 -12.26 37.96 31.86
N ASN A 180 -12.18 37.99 33.19
CA ASN A 180 -13.34 37.68 34.03
C ASN A 180 -14.47 38.61 33.61
N GLN A 181 -14.09 39.80 33.15
CA GLN A 181 -15.01 40.81 32.66
C GLN A 181 -15.83 40.22 31.50
N GLU A 182 -15.13 39.58 30.56
CA GLU A 182 -15.80 38.96 29.41
C GLU A 182 -16.67 37.79 29.88
N GLN A 183 -16.16 37.03 30.83
CA GLN A 183 -16.90 35.88 31.35
C GLN A 183 -18.26 36.37 31.81
N THR A 184 -18.26 37.23 32.81
CA THR A 184 -19.48 37.78 33.40
C THR A 184 -20.42 38.40 32.39
N SER A 185 -19.91 39.30 31.57
CA SER A 185 -20.75 39.96 30.58
C SER A 185 -21.40 39.02 29.58
N LEU A 186 -20.93 37.79 29.49
CA LEU A 186 -21.51 36.85 28.54
C LEU A 186 -22.32 35.75 29.18
N TYR A 187 -21.83 35.26 30.31
CA TYR A 187 -22.49 34.15 30.99
C TYR A 187 -22.88 34.46 32.44
N VAL A 188 -22.87 35.75 32.79
CA VAL A 188 -23.27 36.21 34.13
C VAL A 188 -22.41 35.70 35.29
N GLN A 189 -22.46 34.41 35.54
CA GLN A 189 -21.73 33.79 36.65
C GLN A 189 -20.24 34.11 36.58
N ALA A 190 -19.60 34.18 37.75
CA ALA A 190 -18.17 34.46 37.83
C ALA A 190 -17.41 33.40 37.04
N SER A 191 -17.89 32.17 37.11
CA SER A 191 -17.28 31.07 36.38
C SER A 191 -18.33 30.01 36.03
N GLY A 192 -18.52 29.80 34.72
CA GLY A 192 -19.48 28.82 34.24
C GLY A 192 -18.95 27.39 34.34
N ARG A 193 -19.61 26.48 33.67
CA ARG A 193 -19.22 25.07 33.72
C ARG A 193 -20.03 24.33 32.67
N VAL A 194 -19.46 23.26 32.12
CA VAL A 194 -20.14 22.46 31.10
C VAL A 194 -19.97 20.99 31.43
N THR A 195 -21.06 20.25 31.37
CA THR A 195 -21.03 18.84 31.65
C THR A 195 -21.94 18.13 30.66
N VAL A 196 -21.34 17.30 29.81
CA VAL A 196 -22.08 16.55 28.81
C VAL A 196 -21.97 15.07 29.17
N SER A 197 -23.11 14.43 29.39
CA SER A 197 -23.12 13.03 29.79
C SER A 197 -24.14 12.16 29.09
N THR A 198 -23.96 10.85 29.27
CA THR A 198 -24.85 9.83 28.75
C THR A 198 -24.98 8.95 29.98
N ARG A 199 -25.72 7.87 29.90
CA ARG A 199 -25.86 7.03 31.07
C ARG A 199 -24.54 6.41 31.50
N ARG A 200 -23.62 6.24 30.56
CA ARG A 200 -22.35 5.62 30.87
C ARG A 200 -21.12 6.52 30.94
N SER A 201 -21.15 7.65 30.23
CA SER A 201 -20.02 8.57 30.21
C SER A 201 -20.40 9.97 30.69
N GLN A 202 -19.40 10.72 31.13
CA GLN A 202 -19.63 12.08 31.58
C GLN A 202 -18.36 12.87 31.34
N GLN A 203 -18.51 14.17 31.18
CA GLN A 203 -17.39 15.09 31.00
C GLN A 203 -17.86 16.43 31.52
N THR A 204 -17.09 17.01 32.43
CA THR A 204 -17.42 18.32 32.96
C THR A 204 -16.18 19.17 32.73
N ILE A 205 -16.30 20.14 31.84
CA ILE A 205 -15.19 21.02 31.55
C ILE A 205 -15.48 22.34 32.22
N ILE A 206 -14.43 22.99 32.74
CA ILE A 206 -14.59 24.27 33.41
C ILE A 206 -13.91 25.33 32.56
N PRO A 207 -14.65 26.39 32.21
CA PRO A 207 -14.01 27.42 31.40
C PRO A 207 -12.90 28.11 32.16
N ASN A 208 -11.71 28.09 31.57
CA ASN A 208 -10.54 28.72 32.17
C ASN A 208 -10.35 30.10 31.53
N ILE A 209 -10.28 31.12 32.37
CA ILE A 209 -10.15 32.49 31.92
C ILE A 209 -8.69 32.91 31.77
N GLY A 210 -8.39 33.65 30.71
CA GLY A 210 -7.03 34.09 30.49
C GLY A 210 -6.78 34.68 29.12
N SER A 211 -5.63 35.34 28.96
CA SER A 211 -5.26 35.96 27.69
C SER A 211 -4.33 35.07 26.88
N ARG A 212 -4.83 34.61 25.74
CA ARG A 212 -4.06 33.78 24.82
C ARG A 212 -3.45 34.69 23.74
N PRO A 213 -2.78 34.11 22.73
CA PRO A 213 -2.24 35.00 21.70
C PRO A 213 -3.43 35.55 20.92
N TRP A 214 -3.25 36.71 20.29
CA TRP A 214 -4.33 37.29 19.52
C TRP A 214 -4.44 36.51 18.24
N VAL A 215 -5.58 35.90 18.01
CA VAL A 215 -5.74 35.16 16.77
C VAL A 215 -7.06 35.62 16.18
N ARG A 216 -6.98 36.18 14.99
CA ARG A 216 -8.15 36.66 14.26
C ARG A 216 -8.92 37.70 15.07
N GLY A 217 -8.18 38.44 15.89
CA GLY A 217 -8.82 39.48 16.69
C GLY A 217 -9.30 39.05 18.07
N LEU A 218 -8.79 37.94 18.59
CA LEU A 218 -9.22 37.49 19.90
C LEU A 218 -8.10 36.90 20.74
N SER A 219 -8.32 36.90 22.04
CA SER A 219 -7.40 36.33 23.02
C SER A 219 -8.14 35.21 23.74
N SER A 220 -9.43 35.07 23.47
CA SER A 220 -10.24 34.03 24.07
C SER A 220 -10.26 32.83 23.13
N ARG A 221 -10.66 31.66 23.63
CA ARG A 221 -10.70 30.44 22.82
C ARG A 221 -11.95 29.61 23.05
N ILE A 222 -12.09 28.57 22.25
CA ILE A 222 -13.20 27.64 22.37
C ILE A 222 -12.53 26.27 22.32
N SER A 223 -12.78 25.44 23.33
CA SER A 223 -12.22 24.09 23.35
C SER A 223 -13.31 23.19 22.83
N ILE A 224 -12.94 22.23 22.00
CA ILE A 224 -13.91 21.32 21.41
C ILE A 224 -13.81 19.95 22.08
N TYR A 225 -14.95 19.36 22.37
CA TYR A 225 -15.02 18.04 22.99
C TYR A 225 -16.12 17.32 22.24
N TRP A 226 -16.21 16.01 22.40
CA TRP A 226 -17.24 15.29 21.70
C TRP A 226 -17.84 14.25 22.61
N THR A 227 -19.01 13.76 22.24
CA THR A 227 -19.69 12.75 23.03
C THR A 227 -20.46 11.86 22.05
N ILE A 228 -20.19 10.56 22.11
CA ILE A 228 -20.88 9.59 21.27
C ILE A 228 -21.97 8.97 22.15
N VAL A 229 -23.17 8.88 21.60
CA VAL A 229 -24.31 8.33 22.32
C VAL A 229 -24.80 7.08 21.61
N LYS A 230 -24.78 5.96 22.31
CA LYS A 230 -25.22 4.68 21.76
C LYS A 230 -26.73 4.59 21.75
N PRO A 231 -27.29 3.61 21.01
CA PRO A 231 -28.72 3.37 20.89
C PRO A 231 -29.36 3.08 22.24
N GLY A 232 -30.53 3.68 22.50
CA GLY A 232 -31.21 3.52 23.77
C GLY A 232 -30.71 4.55 24.77
N ASP A 233 -29.41 4.78 24.73
CA ASP A 233 -28.74 5.74 25.61
C ASP A 233 -29.30 7.13 25.39
N VAL A 234 -29.00 8.04 26.31
CA VAL A 234 -29.50 9.41 26.22
C VAL A 234 -28.38 10.38 26.57
N LEU A 235 -28.47 11.60 26.04
CA LEU A 235 -27.47 12.65 26.26
C LEU A 235 -28.00 13.83 27.07
N VAL A 236 -27.38 14.10 28.21
CA VAL A 236 -27.79 15.22 29.06
C VAL A 236 -26.69 16.26 29.06
N ILE A 237 -27.09 17.49 28.81
CA ILE A 237 -26.18 18.62 28.77
C ILE A 237 -26.56 19.58 29.90
N ASN A 238 -25.66 19.76 30.83
CA ASN A 238 -25.92 20.65 31.95
C ASN A 238 -24.84 21.72 31.91
N SER A 239 -25.21 22.97 32.19
CA SER A 239 -24.26 24.06 32.17
C SER A 239 -24.84 25.31 32.83
N ASN A 240 -23.94 26.13 33.36
CA ASN A 240 -24.30 27.38 33.99
C ASN A 240 -23.37 28.43 33.40
N GLY A 241 -23.11 28.31 32.10
CA GLY A 241 -22.27 29.27 31.43
C GLY A 241 -21.20 28.68 30.54
N ASN A 242 -20.85 29.42 29.49
CA ASN A 242 -19.80 29.05 28.53
C ASN A 242 -20.10 27.90 27.59
N LEU A 243 -21.35 27.47 27.49
CA LEU A 243 -21.67 26.35 26.63
C LEU A 243 -21.77 26.65 25.15
N ILE A 244 -20.91 26.02 24.35
CA ILE A 244 -20.99 26.17 22.90
C ILE A 244 -21.73 24.88 22.56
N ALA A 245 -23.04 24.97 22.63
CA ALA A 245 -23.94 23.85 22.41
C ALA A 245 -23.91 23.22 21.02
N PRO A 246 -24.18 21.91 20.93
CA PRO A 246 -24.19 21.24 19.64
C PRO A 246 -25.52 21.57 18.99
N ARG A 247 -25.65 21.38 17.69
CA ARG A 247 -26.90 21.66 17.00
C ARG A 247 -27.63 20.38 16.61
N GLY A 248 -26.95 19.25 16.81
CA GLY A 248 -27.54 17.98 16.46
C GLY A 248 -26.44 16.96 16.60
N TYR A 249 -26.48 15.96 15.75
CA TYR A 249 -25.46 14.93 15.77
C TYR A 249 -25.01 14.61 14.36
N PHE A 250 -23.90 13.90 14.28
CA PHE A 250 -23.34 13.46 13.01
C PHE A 250 -23.59 11.97 13.07
N LYS A 251 -24.21 11.43 12.04
CA LYS A 251 -24.48 10.00 12.03
C LYS A 251 -23.14 9.26 11.90
N MET A 252 -22.88 8.30 12.79
CA MET A 252 -21.65 7.54 12.73
C MET A 252 -21.75 6.23 11.96
N ARG A 253 -20.67 5.91 11.27
CA ARG A 253 -20.59 4.70 10.48
C ARG A 253 -19.24 4.02 10.67
N THR A 254 -19.04 2.92 9.96
CA THR A 254 -17.79 2.17 9.99
C THR A 254 -17.61 1.78 8.54
N GLY A 255 -16.37 1.75 8.08
CA GLY A 255 -16.14 1.40 6.70
C GLY A 255 -14.68 1.43 6.33
N LYS A 256 -14.41 1.72 5.06
CA LYS A 256 -13.05 1.75 4.58
C LYS A 256 -12.48 3.16 4.56
N SER A 257 -13.26 4.11 5.04
CA SER A 257 -12.84 5.50 5.02
C SER A 257 -11.63 5.84 5.85
N SER A 258 -10.89 6.84 5.40
CA SER A 258 -9.69 7.27 6.10
C SER A 258 -9.39 8.69 5.64
N ILE A 259 -8.28 9.23 6.09
CA ILE A 259 -7.90 10.59 5.75
C ILE A 259 -6.41 10.59 5.46
N MET A 260 -5.99 11.34 4.46
CA MET A 260 -4.59 11.39 4.10
C MET A 260 -4.13 12.81 3.87
N ARG A 261 -2.97 13.15 4.42
CA ARG A 261 -2.40 14.47 4.22
C ARG A 261 -1.57 14.36 2.95
N SER A 262 -1.92 15.15 1.93
CA SER A 262 -1.18 15.10 0.68
C SER A 262 -1.27 16.39 -0.09
N ASP A 263 -0.32 16.59 -1.00
CA ASP A 263 -0.32 17.78 -1.83
C ASP A 263 -0.35 17.34 -3.30
N ALA A 264 -0.62 16.07 -3.52
CA ALA A 264 -0.68 15.54 -4.87
C ALA A 264 -1.98 16.00 -5.54
N PRO A 265 -1.89 16.41 -6.81
CA PRO A 265 -3.09 16.86 -7.51
C PRO A 265 -3.97 15.67 -7.76
N ILE A 266 -5.26 15.82 -7.52
CA ILE A 266 -6.17 14.72 -7.75
C ILE A 266 -6.43 14.70 -9.25
N ASP A 267 -6.50 13.51 -9.84
CA ASP A 267 -6.69 13.38 -11.26
C ASP A 267 -7.67 12.27 -11.58
N THR A 268 -8.32 12.40 -12.73
CA THR A 268 -9.28 11.43 -13.21
C THR A 268 -8.56 10.24 -13.80
N CYS A 269 -8.55 9.14 -13.06
CA CYS A 269 -7.89 7.93 -13.51
C CYS A 269 -8.26 6.81 -12.57
N ILE A 270 -7.76 5.61 -12.82
CA ILE A 270 -8.07 4.51 -11.95
C ILE A 270 -6.79 3.97 -11.33
N SER A 271 -6.85 3.69 -10.03
CA SER A 271 -5.73 3.15 -9.28
C SER A 271 -6.21 2.85 -7.88
N GLU A 272 -6.02 1.60 -7.47
CA GLU A 272 -6.45 1.12 -6.17
C GLU A 272 -5.58 1.62 -5.03
N CYS A 273 -4.32 1.88 -5.33
CA CYS A 273 -3.39 2.30 -4.31
C CYS A 273 -3.11 3.80 -4.30
N ILE A 274 -3.21 4.40 -3.12
CA ILE A 274 -2.96 5.82 -2.97
C ILE A 274 -1.89 6.05 -1.89
N THR A 275 -0.93 6.91 -2.22
CA THR A 275 0.13 7.26 -1.30
C THR A 275 0.12 8.78 -1.37
N PRO A 276 0.69 9.45 -0.37
CA PRO A 276 0.65 10.90 -0.47
C PRO A 276 1.36 11.37 -1.73
N ASN A 277 2.33 10.59 -2.17
CA ASN A 277 3.10 10.91 -3.37
C ASN A 277 2.26 10.87 -4.64
N GLY A 278 1.10 10.23 -4.56
CA GLY A 278 0.25 10.09 -5.72
C GLY A 278 -0.06 8.61 -5.84
N SER A 279 -0.95 8.24 -6.74
CA SER A 279 -1.27 6.84 -6.87
C SER A 279 -0.07 6.05 -7.36
N ILE A 280 -0.04 4.77 -7.05
CA ILE A 280 1.03 3.88 -7.48
C ILE A 280 0.42 2.54 -7.90
N PRO A 281 0.92 1.93 -8.98
CA PRO A 281 0.38 0.65 -9.41
C PRO A 281 0.73 -0.42 -8.41
N ASN A 282 -0.27 -1.17 -7.99
CA ASN A 282 -0.09 -2.24 -7.02
C ASN A 282 0.11 -3.59 -7.69
N ASP A 283 0.76 -3.61 -8.84
CA ASP A 283 1.00 -4.87 -9.52
C ASP A 283 2.15 -5.63 -8.84
N LYS A 284 3.13 -4.89 -8.32
CA LYS A 284 4.29 -5.47 -7.65
C LYS A 284 3.96 -5.73 -6.18
N PRO A 285 4.61 -6.72 -5.57
CA PRO A 285 4.39 -7.09 -4.17
C PRO A 285 4.83 -6.08 -3.12
N PHE A 286 5.89 -5.32 -3.43
CA PHE A 286 6.39 -4.32 -2.47
C PHE A 286 6.50 -2.95 -3.11
N GLN A 287 6.61 -1.92 -2.28
CA GLN A 287 6.76 -0.55 -2.76
C GLN A 287 7.70 0.22 -1.82
N ASN A 288 8.41 1.18 -2.40
CA ASN A 288 9.35 1.99 -1.66
C ASN A 288 8.96 3.46 -1.84
N VAL A 289 7.70 3.70 -2.18
CA VAL A 289 7.24 5.05 -2.41
C VAL A 289 6.93 5.76 -1.11
N ASN A 290 6.16 5.14 -0.24
CA ASN A 290 5.81 5.76 1.05
C ASN A 290 5.21 4.69 1.93
N LYS A 291 5.33 4.85 3.25
CA LYS A 291 4.79 3.89 4.20
C LYS A 291 3.35 4.24 4.54
N ILE A 292 2.89 5.38 4.03
CA ILE A 292 1.52 5.85 4.25
C ILE A 292 0.76 5.44 3.01
N THR A 293 -0.21 4.56 3.15
CA THR A 293 -0.96 4.14 1.98
C THR A 293 -2.45 3.98 2.26
N TYR A 294 -3.23 3.76 1.20
CA TYR A 294 -4.66 3.56 1.30
C TYR A 294 -5.09 2.74 0.09
N GLY A 295 -5.74 1.62 0.33
CA GLY A 295 -6.19 0.77 -0.76
C GLY A 295 -5.34 -0.48 -0.89
N ALA A 296 -5.55 -1.23 -1.96
CA ALA A 296 -4.80 -2.45 -2.22
C ALA A 296 -3.43 -1.96 -2.57
N CYS A 297 -2.47 -2.21 -1.71
CA CYS A 297 -1.14 -1.70 -1.96
C CYS A 297 0.01 -2.68 -1.74
N PRO A 298 1.15 -2.40 -2.38
CA PRO A 298 2.33 -3.25 -2.24
C PRO A 298 2.87 -2.96 -0.83
N LYS A 299 3.43 -3.94 -0.16
CA LYS A 299 3.95 -3.68 1.18
C LYS A 299 5.14 -2.75 1.08
N TYR A 300 5.26 -1.82 2.01
CA TYR A 300 6.37 -0.87 2.01
C TYR A 300 7.60 -1.55 2.56
N VAL A 301 8.73 -1.32 1.89
CA VAL A 301 10.00 -1.88 2.29
C VAL A 301 11.06 -0.80 2.14
N LYS A 302 12.21 -0.98 2.78
CA LYS A 302 13.28 0.01 2.70
C LYS A 302 14.08 -0.08 1.41
N GLN A 303 13.92 -1.18 0.71
CA GLN A 303 14.65 -1.43 -0.53
C GLN A 303 14.01 -0.74 -1.73
N ASN A 304 14.85 -0.19 -2.59
CA ASN A 304 14.38 0.49 -3.79
C ASN A 304 14.37 -0.45 -4.98
N THR A 305 14.70 -1.70 -4.74
CA THR A 305 14.73 -2.67 -5.81
C THR A 305 14.91 -4.06 -5.23
N LEU A 306 14.36 -5.02 -5.94
CA LEU A 306 14.40 -6.44 -5.58
C LEU A 306 14.00 -7.08 -6.89
N LYS A 307 15.00 -7.62 -7.58
CA LYS A 307 14.75 -8.24 -8.87
C LYS A 307 14.47 -9.74 -8.68
N LEU A 308 13.42 -10.24 -9.33
CA LEU A 308 13.07 -11.65 -9.23
C LEU A 308 13.45 -12.33 -10.53
N ALA A 309 14.35 -13.29 -10.43
CA ALA A 309 14.81 -14.02 -11.59
C ALA A 309 13.63 -14.68 -12.27
N THR A 310 13.55 -14.50 -13.58
CA THR A 310 12.50 -15.11 -14.37
C THR A 310 13.19 -15.80 -15.54
N GLY A 311 14.38 -16.33 -15.26
CA GLY A 311 15.16 -17.04 -16.26
C GLY A 311 16.35 -17.71 -15.61
N MET A 312 16.96 -18.66 -16.31
CA MET A 312 18.12 -19.40 -15.84
C MET A 312 19.35 -18.51 -15.81
N ARG A 313 20.50 -19.08 -15.46
CA ARG A 313 21.76 -18.33 -15.42
C ARG A 313 22.18 -18.05 -16.87
N ASN A 314 22.95 -16.99 -17.08
CA ASN A 314 23.38 -16.61 -18.43
C ASN A 314 24.76 -17.17 -18.71
N VAL A 315 24.96 -17.65 -19.94
CA VAL A 315 26.24 -18.24 -20.41
C VAL A 315 27.12 -18.73 -19.24
N PRO A 316 26.81 -19.93 -18.71
CA PRO A 316 27.36 -20.75 -17.61
C PRO A 316 28.62 -20.29 -16.88
N GLU A 317 28.52 -20.14 -15.56
CA GLU A 317 29.62 -19.71 -14.69
C GLU A 317 29.87 -18.21 -14.84
N LYS A 318 29.94 -17.74 -16.08
CA LYS A 318 30.01 -16.32 -16.45
C LYS A 318 31.21 -15.49 -16.91
N GLN A 319 30.83 -14.34 -17.50
CA GLN A 319 31.67 -13.25 -18.00
C GLN A 319 31.76 -12.77 -19.45
N THR A 320 32.56 -13.37 -20.33
CA THR A 320 32.62 -12.80 -21.69
C THR A 320 32.35 -13.59 -23.00
N GLN A 321 33.34 -14.24 -23.60
CA GLN A 321 33.06 -14.93 -24.88
C GLN A 321 34.11 -15.92 -25.41
N GLY A 322 33.83 -16.48 -26.59
CA GLY A 322 34.79 -17.37 -27.23
C GLY A 322 34.46 -18.80 -27.63
N LEU A 323 35.41 -19.34 -28.41
CA LEU A 323 35.47 -20.71 -28.97
C LEU A 323 35.06 -20.88 -30.44
N PHE A 324 33.90 -21.50 -30.71
CA PHE A 324 33.37 -21.71 -32.08
C PHE A 324 32.62 -23.03 -32.35
N GLY A 325 32.31 -23.26 -33.62
CA GLY A 325 31.59 -24.44 -34.05
C GLY A 325 32.28 -25.78 -34.17
N ALA A 326 32.38 -26.48 -33.04
CA ALA A 326 32.95 -27.83 -32.98
C ALA A 326 31.85 -28.64 -32.29
N ILE A 327 30.89 -27.89 -31.75
CA ILE A 327 29.72 -28.40 -31.04
C ILE A 327 30.01 -28.81 -29.60
N ALA A 328 29.62 -27.93 -28.68
CA ALA A 328 29.79 -28.13 -27.25
C ALA A 328 28.42 -28.09 -26.59
N GLY A 329 28.30 -28.82 -25.49
CA GLY A 329 27.04 -28.87 -24.79
C GLY A 329 26.84 -27.82 -23.74
N PHE A 330 25.85 -28.06 -22.88
CA PHE A 330 25.47 -27.16 -21.81
C PHE A 330 26.46 -26.96 -20.70
N ILE A 331 27.65 -27.57 -20.76
CA ILE A 331 28.61 -27.40 -19.68
C ILE A 331 28.95 -25.91 -19.43
N GLU A 332 30.11 -25.42 -19.82
CA GLU A 332 30.39 -24.02 -19.54
C GLU A 332 29.96 -23.01 -20.59
N ASN A 333 28.83 -23.25 -21.22
CA ASN A 333 28.35 -22.32 -22.25
C ASN A 333 26.87 -22.50 -22.57
N GLY A 334 26.23 -21.37 -22.85
CA GLY A 334 24.83 -21.37 -23.22
C GLY A 334 24.79 -20.99 -24.67
N TRP A 335 23.68 -21.22 -25.35
CA TRP A 335 23.61 -20.89 -26.76
C TRP A 335 22.84 -19.61 -27.07
N GLU A 336 23.57 -18.54 -27.36
CA GLU A 336 22.96 -17.26 -27.71
C GLU A 336 22.18 -17.40 -29.03
N GLY A 337 22.43 -18.51 -29.71
CA GLY A 337 21.75 -18.77 -30.97
C GLY A 337 20.36 -19.37 -30.80
N MET A 338 20.11 -20.02 -29.67
CA MET A 338 18.80 -20.63 -29.46
C MET A 338 17.81 -19.65 -28.88
N ILE A 339 17.07 -19.00 -29.77
CA ILE A 339 16.07 -18.04 -29.35
C ILE A 339 14.71 -18.68 -29.47
N ASP A 340 14.68 -19.86 -30.08
CA ASP A 340 13.43 -20.59 -30.28
C ASP A 340 13.11 -21.53 -29.09
N GLY A 341 13.90 -21.41 -28.02
CA GLY A 341 13.69 -22.22 -26.85
C GLY A 341 14.70 -21.93 -25.76
N TRP A 342 14.52 -22.57 -24.61
CA TRP A 342 15.41 -22.40 -23.48
C TRP A 342 16.44 -23.51 -23.44
N TYR A 343 15.98 -24.71 -23.76
CA TYR A 343 16.82 -25.89 -23.79
C TYR A 343 16.69 -26.46 -25.21
N GLY A 344 17.60 -27.35 -25.57
CA GLY A 344 17.52 -27.92 -26.91
C GLY A 344 18.70 -28.78 -27.28
N PHE A 345 18.83 -29.05 -28.57
CA PHE A 345 19.88 -29.90 -29.13
C PHE A 345 20.61 -29.23 -30.29
N ARG A 346 21.81 -29.74 -30.53
CA ARG A 346 22.68 -29.29 -31.63
C ARG A 346 23.44 -30.56 -32.01
N HIS A 347 23.35 -30.91 -33.27
CA HIS A 347 24.02 -32.11 -33.74
C HIS A 347 24.96 -31.80 -34.89
N GLN A 348 25.91 -32.70 -35.10
CA GLN A 348 26.87 -32.59 -36.16
C GLN A 348 26.85 -34.04 -36.62
N ASN A 349 26.47 -34.26 -37.87
CA ASN A 349 26.39 -35.60 -38.41
C ASN A 349 26.77 -35.63 -39.88
N SER A 350 26.28 -36.65 -40.58
CA SER A 350 26.53 -36.86 -42.00
C SER A 350 26.00 -35.71 -42.84
N GLU A 351 24.75 -35.34 -42.58
CA GLU A 351 24.07 -34.29 -43.32
C GLU A 351 24.51 -32.87 -42.97
N GLY A 352 25.37 -32.74 -41.97
CA GLY A 352 25.84 -31.42 -41.58
C GLY A 352 25.57 -31.09 -40.12
N THR A 353 25.29 -29.82 -39.83
CA THR A 353 25.02 -29.41 -38.45
C THR A 353 23.80 -28.48 -38.33
N GLY A 354 23.08 -28.64 -37.22
CA GLY A 354 21.88 -27.86 -36.96
C GLY A 354 21.50 -27.81 -35.49
N GLN A 355 20.37 -27.17 -35.19
CA GLN A 355 19.91 -27.00 -33.82
C GLN A 355 18.38 -27.12 -33.76
N ALA A 356 17.88 -27.67 -32.66
CA ALA A 356 16.44 -27.82 -32.45
C ALA A 356 16.15 -27.75 -30.96
N ALA A 357 15.39 -26.76 -30.54
CA ALA A 357 15.07 -26.58 -29.12
C ALA A 357 14.03 -27.58 -28.62
N ASP A 358 14.12 -27.96 -27.35
CA ASP A 358 13.17 -28.91 -26.76
C ASP A 358 12.11 -28.17 -25.95
N LEU A 359 10.95 -27.99 -26.57
CA LEU A 359 9.82 -27.30 -25.96
C LEU A 359 9.31 -27.92 -24.66
N LYS A 360 9.54 -29.22 -24.47
CA LYS A 360 9.11 -29.90 -23.26
C LYS A 360 9.74 -29.23 -22.04
N SER A 361 11.06 -29.26 -21.99
CA SER A 361 11.80 -28.66 -20.89
C SER A 361 11.61 -27.14 -20.89
N THR A 362 11.66 -26.54 -22.08
CA THR A 362 11.47 -25.11 -22.21
C THR A 362 10.18 -24.70 -21.51
N GLN A 363 9.10 -25.44 -21.75
CA GLN A 363 7.81 -25.13 -21.15
C GLN A 363 7.78 -25.34 -19.65
N ALA A 364 8.38 -26.44 -19.17
CA ALA A 364 8.40 -26.73 -17.74
C ALA A 364 9.07 -25.60 -16.96
N ALA A 365 10.27 -25.21 -17.38
CA ALA A 365 11.01 -24.14 -16.72
C ALA A 365 10.13 -22.89 -16.73
N ILE A 366 9.64 -22.53 -17.92
CA ILE A 366 8.79 -21.38 -18.05
C ILE A 366 7.57 -21.49 -17.18
N ASP A 367 6.98 -22.67 -17.12
CA ASP A 367 5.79 -22.88 -16.32
C ASP A 367 6.04 -22.68 -14.84
N GLN A 368 7.00 -23.41 -14.30
CA GLN A 368 7.35 -23.29 -12.89
C GLN A 368 7.65 -21.83 -12.52
N ILE A 369 8.35 -21.12 -13.40
CA ILE A 369 8.69 -19.74 -13.18
C ILE A 369 7.46 -18.85 -13.11
N ASN A 370 6.51 -19.07 -14.00
CA ASN A 370 5.29 -18.28 -13.95
C ASN A 370 4.48 -18.69 -12.72
N GLY A 371 4.70 -19.93 -12.29
CA GLY A 371 4.02 -20.45 -11.12
C GLY A 371 4.41 -19.66 -9.89
N LYS A 372 5.71 -19.44 -9.72
CA LYS A 372 6.19 -18.68 -8.58
C LYS A 372 5.89 -17.20 -8.78
N LEU A 373 5.85 -16.75 -10.03
CA LEU A 373 5.56 -15.36 -10.34
C LEU A 373 4.16 -15.02 -9.83
N ASN A 374 3.17 -15.78 -10.29
CA ASN A 374 1.80 -15.56 -9.86
C ASN A 374 1.73 -15.57 -8.35
N ARG A 375 2.30 -16.59 -7.72
CA ARG A 375 2.28 -16.67 -6.26
C ARG A 375 2.85 -15.41 -5.64
N VAL A 376 3.99 -14.94 -6.17
CA VAL A 376 4.64 -13.73 -5.65
C VAL A 376 3.80 -12.46 -5.79
N ILE A 377 2.96 -12.42 -6.81
CA ILE A 377 2.10 -11.25 -7.01
C ILE A 377 0.61 -11.63 -7.08
N GLU A 378 0.22 -12.64 -6.29
CA GLU A 378 -1.18 -13.09 -6.27
C GLU A 378 -2.00 -12.36 -5.22
N LYS A 379 -1.33 -11.83 -4.20
CA LYS A 379 -2.03 -11.15 -3.12
C LYS A 379 -2.35 -9.70 -3.45
N THR A 380 -3.21 -9.11 -2.64
CA THR A 380 -3.63 -7.73 -2.85
C THR A 380 -3.30 -6.88 -1.64
N ASN A 381 -3.90 -7.24 -0.50
CA ASN A 381 -3.74 -6.54 0.78
C ASN A 381 -4.29 -5.12 0.80
N GLU A 382 -5.57 -5.02 1.11
CA GLU A 382 -6.24 -3.74 1.20
C GLU A 382 -6.08 -3.29 2.65
N LYS A 383 -5.65 -2.05 2.85
CA LYS A 383 -5.53 -1.48 4.19
C LYS A 383 -6.12 -0.09 4.08
N PHE A 384 -7.04 0.23 4.98
CA PHE A 384 -7.69 1.51 4.93
C PHE A 384 -7.30 2.46 6.05
N HIS A 385 -8.09 2.60 7.10
CA HIS A 385 -7.67 3.50 8.14
C HIS A 385 -6.64 2.80 8.98
N GLN A 386 -5.47 3.41 9.10
CA GLN A 386 -4.38 2.86 9.88
C GLN A 386 -3.95 3.96 10.84
N ILE A 387 -2.69 3.92 11.27
CA ILE A 387 -2.13 4.90 12.18
C ILE A 387 -1.41 5.97 11.39
N GLU A 388 -1.08 7.08 12.03
CA GLU A 388 -0.35 8.15 11.38
C GLU A 388 1.11 7.78 11.52
N LYS A 389 1.93 8.15 10.55
CA LYS A 389 3.34 7.82 10.55
C LYS A 389 4.27 9.02 10.33
N GLU A 390 3.67 10.19 10.25
CA GLU A 390 4.40 11.45 10.08
C GLU A 390 3.72 12.36 11.07
N PHE A 391 4.48 13.16 11.81
CA PHE A 391 3.88 14.00 12.83
C PHE A 391 4.42 15.43 12.81
N SER A 392 3.50 16.38 12.91
CA SER A 392 3.87 17.79 12.90
C SER A 392 4.44 18.23 14.24
N GLU A 393 3.98 17.62 15.32
CA GLU A 393 4.41 18.02 16.65
C GLU A 393 5.07 16.95 17.49
N VAL A 394 5.95 17.40 18.38
CA VAL A 394 6.67 16.58 19.33
C VAL A 394 5.64 16.24 20.40
N GLU A 395 5.48 14.97 20.71
CA GLU A 395 4.51 14.52 21.70
C GLU A 395 5.10 13.57 22.73
N GLY A 396 6.11 12.82 22.33
CA GLY A 396 6.78 11.88 23.19
C GLY A 396 6.19 10.49 23.11
N ARG A 397 6.01 9.91 24.29
CA ARG A 397 5.50 8.56 24.47
C ARG A 397 4.57 7.96 23.41
N ILE A 398 3.47 8.60 23.08
CA ILE A 398 2.57 8.02 22.09
C ILE A 398 3.15 8.06 20.68
N GLN A 399 3.91 9.10 20.39
CA GLN A 399 4.50 9.21 19.07
C GLN A 399 5.61 8.18 18.91
N ASP A 400 6.44 8.02 19.95
CA ASP A 400 7.55 7.06 19.91
C ASP A 400 7.03 5.65 19.62
N LEU A 401 5.91 5.31 20.23
CA LEU A 401 5.32 4.00 20.02
C LEU A 401 4.75 3.92 18.62
N GLU A 402 4.06 4.95 18.18
CA GLU A 402 3.48 4.96 16.84
C GLU A 402 4.59 4.87 15.80
N LYS A 403 5.71 5.52 16.10
CA LYS A 403 6.86 5.52 15.19
C LYS A 403 7.56 4.19 15.24
N TYR A 404 7.62 3.61 16.44
CA TYR A 404 8.27 2.33 16.66
C TYR A 404 7.53 1.13 16.07
N VAL A 405 6.20 1.18 16.09
CA VAL A 405 5.42 0.07 15.55
C VAL A 405 5.65 -0.05 14.05
N GLU A 406 5.62 1.08 13.37
CA GLU A 406 5.81 1.12 11.92
C GLU A 406 7.20 0.72 11.47
N ASP A 407 8.23 1.27 12.12
CA ASP A 407 9.63 0.96 11.78
C ASP A 407 9.82 -0.54 11.97
N THR A 408 9.29 -1.05 13.07
CA THR A 408 9.34 -2.45 13.42
C THR A 408 8.71 -3.27 12.29
N LYS A 409 7.58 -2.80 11.79
CA LYS A 409 6.88 -3.45 10.69
C LYS A 409 7.71 -3.36 9.41
N ILE A 410 8.07 -2.13 9.05
CA ILE A 410 8.85 -1.82 7.85
C ILE A 410 10.12 -2.64 7.78
N ASP A 411 10.79 -2.84 8.91
CA ASP A 411 12.02 -3.62 8.93
C ASP A 411 11.75 -5.12 8.74
N LEU A 412 10.65 -5.61 9.31
CA LEU A 412 10.27 -7.01 9.21
C LEU A 412 9.86 -7.38 7.79
N TRP A 413 9.20 -6.46 7.11
CA TRP A 413 8.79 -6.69 5.73
C TRP A 413 9.94 -6.54 4.74
N SER A 414 10.91 -5.69 5.07
CA SER A 414 12.07 -5.52 4.21
C SER A 414 12.85 -6.84 4.23
N TYR A 415 13.00 -7.42 5.42
CA TYR A 415 13.71 -8.69 5.58
C TYR A 415 12.95 -9.77 4.82
N ASN A 416 11.63 -9.79 5.00
CA ASN A 416 10.77 -10.76 4.33
C ASN A 416 10.98 -10.69 2.84
N ALA A 417 11.01 -9.47 2.32
CA ALA A 417 11.21 -9.24 0.91
C ALA A 417 12.60 -9.70 0.47
N GLU A 418 13.61 -9.32 1.25
CA GLU A 418 14.99 -9.68 0.94
C GLU A 418 15.18 -11.19 0.90
N LEU A 419 14.66 -11.88 1.91
CA LEU A 419 14.77 -13.33 1.96
C LEU A 419 13.97 -14.02 0.86
N LEU A 420 12.73 -13.61 0.65
CA LEU A 420 11.86 -14.23 -0.36
C LEU A 420 12.54 -14.20 -1.72
N VAL A 421 12.98 -13.02 -2.14
CA VAL A 421 13.66 -12.83 -3.42
C VAL A 421 14.89 -13.72 -3.57
N ALA A 422 15.64 -13.89 -2.49
CA ALA A 422 16.83 -14.74 -2.50
C ALA A 422 16.44 -16.21 -2.64
N LEU A 423 15.51 -16.67 -1.79
CA LEU A 423 15.05 -18.05 -1.83
C LEU A 423 14.48 -18.37 -3.21
N GLU A 424 13.62 -17.49 -3.69
CA GLU A 424 13.00 -17.66 -4.99
C GLU A 424 14.04 -17.74 -6.10
N ASN A 425 15.02 -16.83 -6.07
CA ASN A 425 16.07 -16.82 -7.08
C ASN A 425 16.95 -18.05 -7.02
N GLN A 426 17.20 -18.54 -5.82
CA GLN A 426 18.01 -19.74 -5.64
C GLN A 426 17.21 -20.90 -6.23
N HIS A 427 15.92 -20.93 -5.93
CA HIS A 427 15.06 -21.97 -6.43
C HIS A 427 15.00 -21.93 -7.98
N THR A 428 14.70 -20.78 -8.56
CA THR A 428 14.63 -20.63 -10.01
C THR A 428 15.87 -21.11 -10.75
N ILE A 429 17.04 -20.81 -10.20
CA ILE A 429 18.30 -21.22 -10.80
C ILE A 429 18.48 -22.73 -10.72
N ASP A 430 18.13 -23.34 -9.58
CA ASP A 430 18.22 -24.79 -9.40
C ASP A 430 17.22 -25.47 -10.33
N LEU A 431 16.01 -24.93 -10.35
CA LEU A 431 14.90 -25.41 -11.16
C LEU A 431 15.28 -25.44 -12.65
N THR A 432 15.97 -24.40 -13.10
CA THR A 432 16.36 -24.33 -14.50
C THR A 432 17.52 -25.27 -14.82
N ASP A 433 18.50 -25.33 -13.93
CA ASP A 433 19.64 -26.21 -14.12
C ASP A 433 19.11 -27.63 -14.16
N SER A 434 18.16 -27.91 -13.28
CA SER A 434 17.51 -29.21 -13.16
C SER A 434 16.84 -29.63 -14.46
N GLU A 435 16.08 -28.73 -15.08
CA GLU A 435 15.41 -29.03 -16.33
C GLU A 435 16.44 -29.43 -17.37
N MET A 436 17.55 -28.68 -17.40
CA MET A 436 18.64 -28.94 -18.34
C MET A 436 19.22 -30.33 -18.07
N ASN A 437 19.72 -30.53 -16.86
CA ASN A 437 20.29 -31.79 -16.47
C ASN A 437 19.33 -32.96 -16.72
N LYS A 438 18.03 -32.72 -16.54
CA LYS A 438 17.03 -33.74 -16.77
C LYS A 438 17.01 -34.18 -18.22
N LEU A 439 17.06 -33.20 -19.13
CA LEU A 439 17.05 -33.46 -20.58
C LEU A 439 18.25 -34.32 -20.94
N PHE A 440 19.42 -33.92 -20.46
CA PHE A 440 20.64 -34.65 -20.73
C PHE A 440 20.52 -36.11 -20.30
N GLU A 441 19.91 -36.33 -19.13
CA GLU A 441 19.74 -37.68 -18.62
C GLU A 441 18.77 -38.46 -19.47
N LYS A 442 17.66 -37.83 -19.84
CA LYS A 442 16.63 -38.45 -20.67
C LYS A 442 17.27 -38.97 -21.96
N THR A 443 18.08 -38.13 -22.58
CA THR A 443 18.80 -38.50 -23.80
C THR A 443 19.83 -39.60 -23.52
N ARG A 444 20.48 -39.50 -22.36
CA ARG A 444 21.49 -40.48 -21.95
C ARG A 444 20.93 -41.90 -21.93
N ARG A 445 19.71 -42.05 -21.40
CA ARG A 445 19.06 -43.34 -21.29
C ARG A 445 18.56 -43.84 -22.63
N GLN A 446 18.13 -42.92 -23.48
CA GLN A 446 17.64 -43.25 -24.81
C GLN A 446 18.73 -43.86 -25.67
N LEU A 447 19.93 -43.31 -25.53
CA LEU A 447 21.09 -43.74 -26.28
C LEU A 447 21.69 -45.09 -25.82
N ARG A 448 21.42 -45.47 -24.58
CA ARG A 448 21.93 -46.73 -24.04
C ARG A 448 23.41 -46.89 -24.33
N GLU A 449 23.82 -48.08 -24.76
CA GLU A 449 25.21 -48.37 -25.06
C GLU A 449 25.66 -47.88 -26.43
N ASN A 450 24.84 -47.07 -27.08
CA ASN A 450 25.18 -46.60 -28.41
C ASN A 450 25.95 -45.27 -28.45
N ALA A 451 26.14 -44.65 -27.29
CA ALA A 451 26.84 -43.36 -27.23
C ALA A 451 27.57 -43.13 -25.91
N GLU A 452 28.53 -42.22 -25.94
CA GLU A 452 29.32 -41.89 -24.76
C GLU A 452 29.30 -40.39 -24.44
N GLU A 453 29.17 -40.07 -23.15
CA GLU A 453 29.14 -38.68 -22.73
C GLU A 453 30.54 -38.09 -22.91
N MET A 454 30.64 -37.10 -23.78
CA MET A 454 31.91 -36.46 -24.05
C MET A 454 32.35 -35.47 -22.98
N GLY A 455 31.68 -35.50 -21.83
CA GLY A 455 32.01 -34.59 -20.75
C GLY A 455 31.72 -33.12 -20.98
N ASN A 456 31.39 -32.75 -22.21
CA ASN A 456 31.12 -31.36 -22.54
C ASN A 456 29.63 -31.07 -22.67
N GLY A 457 28.82 -32.02 -22.26
CA GLY A 457 27.38 -31.86 -22.37
C GLY A 457 26.93 -32.42 -23.70
N CYS A 458 27.83 -33.15 -24.37
CA CYS A 458 27.54 -33.76 -25.66
C CYS A 458 27.74 -35.25 -25.59
N PHE A 459 27.05 -35.96 -26.48
CA PHE A 459 27.15 -37.40 -26.57
C PHE A 459 27.81 -37.74 -27.90
N LYS A 460 28.78 -38.63 -27.89
CA LYS A 460 29.38 -39.04 -29.15
C LYS A 460 28.61 -40.31 -29.48
N ILE A 461 27.77 -40.22 -30.50
CA ILE A 461 26.92 -41.33 -30.96
C ILE A 461 27.71 -42.16 -31.96
N TYR A 462 28.15 -43.33 -31.54
CA TYR A 462 28.98 -44.21 -32.36
C TYR A 462 28.31 -44.95 -33.53
N HIS A 463 27.49 -44.26 -34.29
CA HIS A 463 26.84 -44.90 -35.40
C HIS A 463 26.29 -43.85 -36.33
N LYS A 464 26.06 -44.24 -37.58
CA LYS A 464 25.52 -43.35 -38.59
C LYS A 464 24.18 -42.87 -38.09
N CYS A 465 24.06 -41.57 -37.88
CA CYS A 465 22.83 -40.97 -37.40
C CYS A 465 22.51 -39.74 -38.24
N ASP A 466 21.79 -39.94 -39.33
CA ASP A 466 21.42 -38.84 -40.19
C ASP A 466 20.38 -38.00 -39.47
N ASN A 467 19.98 -36.88 -40.08
CA ASN A 467 19.01 -35.99 -39.46
C ASN A 467 17.73 -36.68 -38.99
N ALA A 468 17.22 -37.62 -39.78
CA ALA A 468 16.00 -38.33 -39.38
C ALA A 468 16.27 -39.10 -38.10
N CYS A 469 17.49 -39.58 -37.93
CA CYS A 469 17.90 -40.32 -36.75
C CYS A 469 18.00 -39.35 -35.61
N ILE A 470 18.64 -38.21 -35.86
CA ILE A 470 18.80 -37.18 -34.82
C ILE A 470 17.44 -36.74 -34.33
N GLU A 471 16.48 -36.65 -35.25
CA GLU A 471 15.14 -36.25 -34.89
C GLU A 471 14.52 -37.25 -33.91
N SER A 472 14.58 -38.54 -34.21
CA SER A 472 13.98 -39.56 -33.35
C SER A 472 14.45 -39.46 -31.91
N ILE A 473 15.72 -39.09 -31.74
CA ILE A 473 16.29 -38.93 -30.42
C ILE A 473 15.63 -37.75 -29.76
N ARG A 474 15.47 -36.68 -30.51
CA ARG A 474 14.84 -35.49 -29.98
C ARG A 474 13.40 -35.77 -29.58
N ASN A 475 12.65 -36.54 -30.39
CA ASN A 475 11.26 -36.82 -30.06
C ASN A 475 10.99 -38.19 -29.45
N GLY A 476 11.84 -38.57 -28.50
CA GLY A 476 11.70 -39.81 -27.78
C GLY A 476 11.40 -41.13 -28.47
N THR A 477 11.45 -41.20 -29.79
CA THR A 477 11.15 -42.47 -30.45
C THR A 477 12.40 -43.21 -30.91
N TYR A 478 13.57 -42.79 -30.45
CA TYR A 478 14.81 -43.44 -30.85
C TYR A 478 14.94 -44.88 -30.37
N ASP A 479 14.89 -45.81 -31.31
CA ASP A 479 15.02 -47.24 -31.03
C ASP A 479 16.51 -47.57 -31.08
N HIS A 480 17.11 -47.81 -29.94
CA HIS A 480 18.54 -48.09 -29.88
C HIS A 480 18.95 -49.49 -30.36
N ASP A 481 18.07 -50.47 -30.23
CA ASP A 481 18.42 -51.81 -30.64
C ASP A 481 18.80 -51.82 -32.11
N VAL A 482 18.14 -50.96 -32.88
CA VAL A 482 18.39 -50.84 -34.30
C VAL A 482 19.86 -50.58 -34.65
N TYR A 483 20.53 -49.73 -33.87
CA TYR A 483 21.93 -49.39 -34.14
C TYR A 483 22.89 -49.96 -33.10
N ARG A 484 22.35 -50.71 -32.15
CA ARG A 484 23.17 -51.27 -31.10
C ARG A 484 24.44 -51.95 -31.58
N ASN A 485 24.29 -52.87 -32.53
CA ASN A 485 25.42 -53.61 -33.08
C ASN A 485 26.50 -52.71 -33.66
N GLU A 486 26.11 -51.81 -34.57
CA GLU A 486 27.08 -50.92 -35.19
C GLU A 486 27.83 -50.09 -34.14
N ALA A 487 27.09 -49.58 -33.16
CA ALA A 487 27.67 -48.77 -32.10
C ALA A 487 28.59 -49.61 -31.22
N LEU A 488 28.15 -50.81 -30.87
CA LEU A 488 28.92 -51.72 -30.05
C LEU A 488 30.25 -52.06 -30.73
N ASN A 489 30.24 -52.10 -32.05
CA ASN A 489 31.43 -52.41 -32.83
C ASN A 489 32.32 -51.17 -32.91
N ASN A 490 31.74 -50.06 -33.36
CA ASN A 490 32.47 -48.79 -33.48
C ASN A 490 33.09 -48.42 -32.14
N ARG A 491 32.37 -48.69 -31.05
CA ARG A 491 32.83 -48.37 -29.72
C ARG A 491 33.99 -49.23 -29.26
N PHE A 492 33.66 -50.48 -28.95
CA PHE A 492 34.62 -51.42 -28.40
C PHE A 492 35.79 -51.94 -29.22
N GLN A 493 36.14 -51.22 -30.28
CA GLN A 493 37.28 -51.49 -31.16
C GLN A 493 37.07 -51.25 -32.65
N ILE A 494 37.72 -50.20 -33.13
CA ILE A 494 37.69 -49.83 -34.54
C ILE A 494 38.97 -50.40 -35.18
#